data_8OXR
#
_entry.id   8OXR
#
_cell.length_a   67.843
_cell.length_b   108.714
_cell.length_c   53.536
_cell.angle_alpha   90.000
_cell.angle_beta   90.000
_cell.angle_gamma   90.000
#
_symmetry.space_group_name_H-M   'C 2 2 21'
#
loop_
_entity.id
_entity.type
_entity.pdbx_description
1 polymer 'Thrombospondin type-1 domain-containing protein 7A'
2 water water
#
_entity_poly.entity_id   1
_entity_poly.type   'polypeptide(L)'
_entity_poly.pdbx_seq_one_letter_code
;AAQGEAEAPTLYLWKTGPWGRCMGDECGPGGIQTRAVWCAHVEGWTTLHTNCKQAERPNNQQNCFKVCDWHKELYDWRLG
PWNQCQPVISKSLEKPLECIKGEEGIQVREIACIQKDKDIPAEDIICEYFEPKPLLEQACLIPCQ
;
_entity_poly.pdbx_strand_id   A
#
# COMPACT_ATOMS: atom_id res chain seq x y z
N GLU A 7 5.01 -27.25 -12.62
CA GLU A 7 3.63 -27.48 -13.10
C GLU A 7 3.59 -27.15 -14.60
N ALA A 8 3.08 -25.97 -14.97
CA ALA A 8 2.95 -25.58 -16.38
C ALA A 8 3.73 -24.30 -16.65
N PRO A 9 4.46 -24.23 -17.78
CA PRO A 9 5.31 -23.08 -18.07
C PRO A 9 4.44 -21.84 -18.12
N THR A 10 5.08 -20.65 -18.10
CA THR A 10 4.41 -19.36 -18.23
C THR A 10 5.06 -18.61 -19.41
N LEU A 11 4.24 -18.20 -20.40
CA LEU A 11 4.66 -17.32 -21.52
C LEU A 11 4.23 -15.86 -21.36
N TYR A 12 3.09 -15.63 -20.71
CA TYR A 12 2.45 -14.33 -20.67
C TYR A 12 2.07 -14.00 -19.23
N LEU A 13 2.18 -12.72 -18.86
CA LEU A 13 1.70 -12.30 -17.55
C LEU A 13 1.16 -10.88 -17.64
N TRP A 14 0.18 -10.59 -16.78
CA TRP A 14 -0.35 -9.25 -16.60
C TRP A 14 0.63 -8.41 -15.79
N LYS A 15 0.76 -7.13 -16.17
CA LYS A 15 1.50 -6.15 -15.39
C LYS A 15 0.63 -4.91 -15.17
N THR A 16 0.88 -4.22 -14.03
CA THR A 16 0.07 -3.10 -13.56
C THR A 16 0.95 -1.93 -13.20
N GLY A 17 0.51 -0.75 -13.60
CA GLY A 17 1.13 0.49 -13.16
C GLY A 17 0.60 0.93 -11.80
N PRO A 18 1.01 2.12 -11.31
CA PRO A 18 0.57 2.62 -10.02
C PRO A 18 -0.82 3.24 -10.09
N TRP A 19 -1.57 3.10 -9.00
CA TRP A 19 -2.89 3.68 -8.87
C TRP A 19 -2.77 5.19 -9.02
N GLY A 20 -3.62 5.81 -9.86
CA GLY A 20 -3.76 7.25 -9.89
C GLY A 20 -4.46 7.82 -8.64
N ARG A 21 -4.84 9.10 -8.73
CA ARG A 21 -5.45 9.80 -7.61
C ARG A 21 -6.90 9.33 -7.49
N CYS A 22 -7.37 9.31 -6.25
CA CYS A 22 -8.76 9.06 -5.96
C CYS A 22 -9.64 10.16 -6.57
N MET A 23 -10.57 9.79 -7.42
CA MET A 23 -11.36 10.73 -8.17
C MET A 23 -12.82 10.63 -7.72
N GLY A 24 -13.38 11.75 -7.25
CA GLY A 24 -14.79 11.75 -6.87
C GLY A 24 -15.42 13.15 -6.90
N ASP A 25 -16.75 13.11 -7.14
CA ASP A 25 -17.70 14.21 -6.97
C ASP A 25 -17.87 14.59 -5.52
N GLU A 26 -17.79 13.57 -4.63
CA GLU A 26 -18.20 13.69 -3.24
C GLU A 26 -17.05 13.31 -2.33
N CYS A 27 -16.90 14.06 -1.23
CA CYS A 27 -16.04 13.66 -0.13
C CYS A 27 -16.47 12.30 0.38
N GLY A 28 -15.48 11.44 0.70
CA GLY A 28 -15.74 10.15 1.31
C GLY A 28 -15.80 9.03 0.28
N PRO A 29 -16.43 7.89 0.62
CA PRO A 29 -16.52 6.73 -0.26
C PRO A 29 -17.24 6.95 -1.57
N GLY A 30 -16.90 6.11 -2.55
CA GLY A 30 -17.47 6.23 -3.88
C GLY A 30 -16.47 6.88 -4.84
N GLY A 31 -15.22 7.04 -4.43
CA GLY A 31 -14.19 7.51 -5.35
C GLY A 31 -13.67 6.37 -6.23
N ILE A 32 -12.80 6.72 -7.18
CA ILE A 32 -12.27 5.85 -8.21
C ILE A 32 -10.79 6.16 -8.45
N GLN A 33 -9.96 5.14 -8.22
CA GLN A 33 -8.61 5.07 -8.74
C GLN A 33 -8.57 4.20 -9.98
N THR A 34 -7.82 4.68 -10.98
CA THR A 34 -7.57 3.92 -12.20
C THR A 34 -6.06 3.68 -12.25
N ARG A 35 -5.69 2.51 -12.79
CA ARG A 35 -4.30 2.24 -13.10
C ARG A 35 -4.19 1.56 -14.46
N ALA A 36 -2.96 1.58 -14.98
CA ALA A 36 -2.64 0.92 -16.21
C ALA A 36 -2.53 -0.58 -15.98
N VAL A 37 -3.14 -1.36 -16.87
CA VAL A 37 -3.01 -2.81 -16.86
C VAL A 37 -2.69 -3.22 -18.29
N TRP A 38 -1.68 -4.11 -18.45
CA TRP A 38 -1.28 -4.61 -19.77
C TRP A 38 -0.65 -6.01 -19.64
N CYS A 39 -0.64 -6.72 -20.75
CA CYS A 39 -0.09 -8.08 -20.84
C CYS A 39 1.32 -7.99 -21.43
N ALA A 40 2.23 -8.80 -20.90
CA ALA A 40 3.57 -8.86 -21.47
C ALA A 40 3.99 -10.31 -21.65
N HIS A 41 4.88 -10.51 -22.64
CA HIS A 41 5.55 -11.78 -22.85
C HIS A 41 6.59 -11.89 -21.73
N VAL A 42 6.87 -13.10 -21.27
CA VAL A 42 7.90 -13.28 -20.26
C VAL A 42 9.27 -12.82 -20.79
N GLU A 43 9.49 -12.74 -22.11
CA GLU A 43 10.77 -12.25 -22.60
C GLU A 43 10.82 -10.73 -22.56
N GLY A 44 9.74 -10.06 -22.18
CA GLY A 44 9.91 -8.74 -21.62
C GLY A 44 9.24 -7.63 -22.41
N TRP A 45 8.51 -7.98 -23.45
CA TRP A 45 7.87 -6.98 -24.27
C TRP A 45 6.37 -7.02 -24.08
N THR A 46 5.75 -5.87 -24.32
CA THR A 46 4.31 -5.75 -24.22
C THR A 46 3.69 -6.53 -25.36
N THR A 47 2.62 -7.26 -25.11
CA THR A 47 2.00 -8.08 -26.13
C THR A 47 0.51 -7.77 -26.13
N LEU A 48 -0.26 -8.56 -26.88
CA LEU A 48 -1.69 -8.36 -26.97
C LEU A 48 -2.35 -8.78 -25.67
N HIS A 49 -3.32 -7.98 -25.21
CA HIS A 49 -4.02 -8.21 -23.95
C HIS A 49 -4.66 -9.59 -23.97
N THR A 50 -5.03 -10.08 -25.17
CA THR A 50 -5.72 -11.36 -25.32
C THR A 50 -4.77 -12.55 -25.19
N ASN A 51 -3.47 -12.32 -25.01
CA ASN A 51 -2.55 -13.43 -24.78
C ASN A 51 -2.53 -13.85 -23.31
N CYS A 52 -2.92 -12.97 -22.39
CA CYS A 52 -2.89 -13.29 -20.97
C CYS A 52 -4.19 -13.99 -20.58
N LYS A 53 -4.23 -14.71 -19.46
CA LYS A 53 -5.48 -15.33 -19.03
C LYS A 53 -6.41 -14.27 -18.43
N GLN A 54 -7.60 -14.11 -18.99
CA GLN A 54 -8.46 -12.99 -18.61
C GLN A 54 -8.99 -13.14 -17.20
N ALA A 55 -9.17 -14.39 -16.78
CA ALA A 55 -9.54 -14.71 -15.41
C ALA A 55 -8.52 -14.18 -14.40
N GLU A 56 -7.30 -13.89 -14.84
CA GLU A 56 -6.29 -13.45 -13.90
C GLU A 56 -6.07 -11.95 -14.05
N ARG A 57 -6.89 -11.29 -14.89
CA ARG A 57 -6.65 -9.92 -15.29
C ARG A 57 -6.96 -8.98 -14.14
N PRO A 58 -5.98 -8.21 -13.64
CA PRO A 58 -6.23 -7.32 -12.52
C PRO A 58 -7.15 -6.20 -12.99
N ASN A 59 -7.93 -5.67 -12.05
CA ASN A 59 -8.83 -4.56 -12.32
C ASN A 59 -7.98 -3.34 -12.54
N ASN A 60 -8.39 -2.53 -13.52
CA ASN A 60 -7.80 -1.23 -13.80
C ASN A 60 -8.47 -0.16 -12.94
N GLN A 61 -9.40 -0.55 -12.06
CA GLN A 61 -10.12 0.40 -11.21
C GLN A 61 -10.34 -0.15 -9.81
N GLN A 62 -10.33 0.73 -8.82
CA GLN A 62 -10.77 0.31 -7.50
C GLN A 62 -11.44 1.47 -6.75
N ASN A 63 -12.25 1.08 -5.76
CA ASN A 63 -12.98 2.06 -4.96
C ASN A 63 -11.97 2.75 -4.07
N CYS A 64 -12.30 3.96 -3.63
CA CYS A 64 -11.43 4.73 -2.79
C CYS A 64 -12.23 5.81 -2.08
N PHE A 65 -11.59 6.39 -1.06
CA PHE A 65 -12.15 7.39 -0.19
C PHE A 65 -11.59 8.75 -0.63
N LYS A 66 -12.47 9.65 -1.06
CA LYS A 66 -12.09 10.98 -1.52
C LYS A 66 -11.91 11.86 -0.29
N VAL A 67 -10.69 12.31 -0.10
CA VAL A 67 -10.34 12.93 1.15
C VAL A 67 -10.56 14.43 1.03
N CYS A 68 -11.05 15.02 2.12
CA CYS A 68 -11.27 16.46 2.23
C CYS A 68 -10.79 16.91 3.60
N ASP A 69 -10.50 18.21 3.76
CA ASP A 69 -9.85 18.73 4.96
C ASP A 69 -10.65 18.36 6.20
N TRP A 70 -11.96 18.27 6.02
CA TRP A 70 -12.80 18.11 7.17
C TRP A 70 -12.80 16.67 7.66
N HIS A 71 -11.96 15.82 7.09
CA HIS A 71 -11.84 14.46 7.60
C HIS A 71 -10.72 14.39 8.64
N LYS A 72 -9.93 15.48 8.78
CA LYS A 72 -8.71 15.48 9.57
C LYS A 72 -8.90 14.85 10.97
N GLU A 73 -10.04 15.06 11.62
CA GLU A 73 -10.16 14.71 13.02
C GLU A 73 -10.70 13.29 13.15
N LEU A 74 -10.97 12.62 12.03
CA LEU A 74 -11.72 11.37 12.01
C LEU A 74 -10.78 10.17 11.87
N TYR A 75 -9.54 10.49 11.45
CA TYR A 75 -8.55 9.48 11.14
C TYR A 75 -7.22 9.89 11.76
N ASP A 76 -6.46 8.88 12.18
CA ASP A 76 -5.09 9.11 12.59
C ASP A 76 -4.28 7.83 12.51
N TRP A 77 -2.96 8.03 12.53
CA TRP A 77 -1.98 6.97 12.56
C TRP A 77 -1.94 6.34 13.95
N ARG A 78 -1.95 5.01 14.04
CA ARG A 78 -1.71 4.34 15.29
C ARG A 78 -0.34 3.69 15.22
N LEU A 79 0.54 4.09 16.13
CA LEU A 79 1.93 3.64 16.16
C LEU A 79 2.02 2.49 17.14
N GLY A 80 2.15 1.27 16.60
CA GLY A 80 2.45 0.11 17.42
C GLY A 80 3.83 0.24 18.05
N PRO A 81 4.17 -0.57 19.07
CA PRO A 81 5.48 -0.47 19.71
C PRO A 81 6.60 -1.18 18.93
N TRP A 82 7.77 -0.58 18.99
CA TRP A 82 8.99 -1.19 18.49
C TRP A 82 9.16 -2.60 19.03
N ASN A 83 9.42 -3.58 18.15
CA ASN A 83 9.61 -4.95 18.54
C ASN A 83 11.08 -5.30 18.81
N GLN A 84 11.41 -6.60 18.80
CA GLN A 84 12.73 -7.06 19.17
C GLN A 84 13.77 -6.39 18.30
N CYS A 85 14.92 -6.13 18.90
CA CYS A 85 16.06 -5.72 18.14
C CYS A 85 16.60 -6.94 17.41
N GLN A 86 16.49 -6.94 16.08
CA GLN A 86 17.00 -7.98 15.20
C GLN A 86 18.39 -7.64 14.66
N PRO A 87 19.30 -8.64 14.63
CA PRO A 87 20.68 -8.41 14.22
C PRO A 87 20.72 -8.27 12.70
N VAL A 88 21.73 -7.57 12.21
CA VAL A 88 21.84 -7.33 10.78
C VAL A 88 22.70 -8.37 10.08
N ILE A 89 23.56 -9.10 10.82
CA ILE A 89 24.37 -10.21 10.29
C ILE A 89 25.52 -9.62 9.46
N LYS A 101 31.48 -3.09 21.86
CA LYS A 101 30.27 -2.84 22.71
C LYS A 101 29.06 -3.55 22.08
N GLY A 102 28.01 -2.78 21.74
CA GLY A 102 26.75 -3.33 21.24
C GLY A 102 26.84 -3.69 19.75
N GLU A 103 26.05 -4.68 19.32
CA GLU A 103 26.12 -5.16 17.95
C GLU A 103 24.92 -4.62 17.18
N GLU A 104 25.19 -4.00 16.02
CA GLU A 104 24.20 -3.31 15.21
C GLU A 104 22.96 -4.18 14.93
N GLY A 105 21.78 -3.62 15.17
CA GLY A 105 20.53 -4.28 14.82
C GLY A 105 19.46 -3.28 14.44
N ILE A 106 18.30 -3.81 14.02
CA ILE A 106 17.16 -2.95 13.75
C ILE A 106 15.91 -3.47 14.44
N GLN A 107 14.95 -2.57 14.67
CA GLN A 107 13.62 -3.01 15.06
C GLN A 107 12.54 -2.37 14.21
N VAL A 108 11.46 -3.13 13.99
CA VAL A 108 10.33 -2.66 13.21
C VAL A 108 9.09 -2.53 14.10
N ARG A 109 8.08 -1.85 13.58
CA ARG A 109 6.78 -1.70 14.22
C ARG A 109 5.68 -1.63 13.16
N GLU A 110 4.44 -1.88 13.58
CA GLU A 110 3.30 -1.78 12.71
C GLU A 110 2.74 -0.38 12.80
N ILE A 111 2.12 0.06 11.71
CA ILE A 111 1.53 1.38 11.64
C ILE A 111 0.30 1.32 10.74
N ALA A 112 -0.81 1.79 11.29
CA ALA A 112 -2.10 1.64 10.63
C ALA A 112 -2.83 2.95 10.70
N CYS A 113 -3.67 3.17 9.69
CA CYS A 113 -4.60 4.27 9.65
C CYS A 113 -5.91 3.77 10.26
N ILE A 114 -6.46 4.55 11.20
CA ILE A 114 -7.62 4.13 11.97
C ILE A 114 -8.73 5.19 11.87
N GLN A 115 -9.93 4.72 11.51
CA GLN A 115 -11.14 5.52 11.62
C GLN A 115 -11.49 5.56 13.10
N LYS A 116 -11.32 6.73 13.71
CA LYS A 116 -11.24 6.86 15.16
C LYS A 116 -12.53 6.44 15.88
N ASP A 117 -13.66 7.02 15.46
CA ASP A 117 -14.94 6.74 16.07
C ASP A 117 -15.19 5.23 16.21
N LYS A 118 -15.15 4.47 15.10
CA LYS A 118 -15.54 3.08 15.12
C LYS A 118 -14.32 2.20 15.35
N ASP A 119 -13.13 2.80 15.33
CA ASP A 119 -11.91 2.12 15.71
C ASP A 119 -11.68 0.92 14.81
N ILE A 120 -11.49 1.19 13.51
CA ILE A 120 -11.34 0.12 12.53
C ILE A 120 -10.36 0.59 11.46
N PRO A 121 -9.79 -0.34 10.69
CA PRO A 121 -8.73 0.01 9.74
C PRO A 121 -9.34 0.84 8.62
N ALA A 122 -8.49 1.74 8.11
CA ALA A 122 -8.76 2.50 6.91
C ALA A 122 -7.48 2.53 6.11
N GLU A 123 -7.62 2.94 4.87
CA GLU A 123 -6.50 2.96 3.95
C GLU A 123 -5.49 4.01 4.41
N ASP A 124 -4.22 3.63 4.29
CA ASP A 124 -3.11 4.51 4.61
C ASP A 124 -3.25 5.84 3.89
N ILE A 125 -3.68 5.86 2.63
CA ILE A 125 -3.64 7.10 1.87
C ILE A 125 -4.53 8.17 2.50
N ILE A 126 -5.54 7.79 3.29
CA ILE A 126 -6.32 8.80 4.00
C ILE A 126 -5.44 9.49 5.03
N CYS A 127 -4.84 8.75 5.96
CA CYS A 127 -4.08 9.42 7.00
C CYS A 127 -2.95 10.21 6.36
N GLU A 128 -2.54 9.82 5.15
CA GLU A 128 -1.35 10.36 4.49
C GLU A 128 -1.62 11.80 4.05
N TYR A 129 -2.84 12.03 3.57
CA TYR A 129 -3.25 13.35 3.12
C TYR A 129 -2.98 14.41 4.19
N PHE A 130 -2.98 14.03 5.47
CA PHE A 130 -2.88 15.00 6.56
C PHE A 130 -1.52 15.01 7.24
N GLU A 131 -0.93 13.82 7.52
CA GLU A 131 0.38 13.69 8.12
C GLU A 131 1.17 12.59 7.41
N PRO A 132 2.46 12.80 7.11
CA PRO A 132 3.26 11.75 6.52
C PRO A 132 3.36 10.54 7.45
N LYS A 133 3.46 9.35 6.84
CA LYS A 133 3.51 8.11 7.58
C LYS A 133 4.83 8.06 8.31
N PRO A 134 4.83 7.79 9.61
CA PRO A 134 6.08 7.70 10.34
C PRO A 134 6.80 6.43 9.95
N LEU A 135 8.06 6.31 10.34
CA LEU A 135 8.85 5.18 9.86
C LEU A 135 8.45 3.90 10.55
N LEU A 136 8.65 2.79 9.82
CA LEU A 136 8.40 1.47 10.37
C LEU A 136 9.67 0.89 10.97
N GLU A 137 10.80 1.59 10.90
CA GLU A 137 12.06 0.96 11.28
C GLU A 137 12.94 1.96 12.01
N GLN A 138 13.72 1.47 12.98
CA GLN A 138 14.84 2.25 13.49
C GLN A 138 16.01 1.33 13.85
N ALA A 139 17.15 1.97 14.07
CA ALA A 139 18.35 1.31 14.55
C ALA A 139 18.20 1.03 16.03
N CYS A 140 18.93 0.01 16.50
CA CYS A 140 19.03 -0.33 17.91
C CYS A 140 20.30 -1.14 18.16
N LEU A 141 20.77 -1.14 19.43
CA LEU A 141 21.97 -1.89 19.78
C LEU A 141 21.57 -3.11 20.61
N ILE A 142 22.22 -4.26 20.36
CA ILE A 142 22.01 -5.46 21.16
C ILE A 142 23.18 -5.65 22.14
N PRO A 143 22.91 -5.80 23.46
CA PRO A 143 24.00 -5.90 24.45
C PRO A 143 24.79 -7.21 24.37
N CYS A 144 26.13 -7.12 24.56
CA CYS A 144 27.00 -8.29 24.53
C CYS A 144 26.78 -9.13 25.78
#